data_4KQV
#
_entry.id   4KQV
#
_cell.length_a   44.200
_cell.length_b   163.160
_cell.length_c   72.280
_cell.angle_alpha   90.00
_cell.angle_beta   91.81
_cell.angle_gamma   90.00
#
_symmetry.space_group_name_H-M   'P 1 21 1'
#
loop_
_entity.id
_entity.type
_entity.pdbx_description
1 polymer 'Topoisomerase IV, subunit B'
2 non-polymer 'IODIDE ION'
3 non-polymer 6-fluoro-4-[(3aR,6aR)-hexahydropyrrolo[3,4-b]pyrrol-5(1H)-yl]-N-methyl-2-[(2-methylpyrimidin-5-yl)oxy]-9H-pyrimido[4,5-b]indol-8-amine
4 water water
#
_entity_poly.entity_id   1
_entity_poly.type   'polypeptide(L)'
_entity_poly.pdbx_seq_one_letter_code
;MQNYNAKSIEVLTGLDPVKKRPGMYTNIENPNHLIQEIIDNSVDEVLAGFASKINITLYEDNSIEVADDGRGMPVDIHPE
HKMSGIELIMTKLHSGGKFSNKNYTHSGGLHGVGVSVVNALSTRLEAEIKRDGNVYHIVFEDGFKTKDLEIIDNVGKKNT
GTKIRFWPNKKYFDDIKVNFKALKNLLEAKAILCKALTIKYSNEIKKEKLTWHFETGLKGYLDHKLEAETLPAEPFIIDN
FSNGDSYLDAVFCWCEDPSESIKNSYVNLIPTPQDGTHVTGLKNGIYDAIKAYIEKNSLSVKNIKITANDSFAQLNYVIS
VKITNPQFAGQTKEKLSNKDVTNFVATAVKDLLTIWLNQNPDEARQIVENISKVAQKRINADLEHHHHHH
;
_entity_poly.pdbx_strand_id   A,B
#
# COMPACT_ATOMS: atom_id res chain seq x y z
N LYS A 7 22.48 25.90 -5.22
CA LYS A 7 23.77 25.84 -5.97
C LYS A 7 24.94 26.49 -5.21
N SER A 8 24.64 27.29 -4.20
CA SER A 8 25.67 27.91 -3.36
C SER A 8 26.67 26.92 -2.74
N ILE A 9 26.14 25.82 -2.22
CA ILE A 9 26.90 24.73 -1.66
C ILE A 9 26.51 23.49 -2.47
N GLU A 10 27.49 22.81 -3.06
CA GLU A 10 27.24 21.55 -3.75
C GLU A 10 28.05 20.45 -3.07
N VAL A 11 27.41 19.31 -2.80
CA VAL A 11 28.04 18.24 -2.02
C VAL A 11 28.04 16.94 -2.82
N LEU A 12 29.16 16.21 -2.80
CA LEU A 12 29.30 14.97 -3.57
C LEU A 12 30.04 13.93 -2.76
N THR A 13 29.36 12.84 -2.38
CA THR A 13 30.00 11.73 -1.63
C THR A 13 29.84 10.40 -2.34
N GLY A 14 30.53 9.37 -1.83
CA GLY A 14 30.31 8.00 -2.25
C GLY A 14 29.05 7.48 -1.56
N LEU A 15 28.73 6.22 -1.79
CA LEU A 15 27.47 5.61 -1.37
C LEU A 15 27.44 4.94 0.01
N ASP A 16 28.59 4.84 0.68
CA ASP A 16 28.65 4.22 2.03
C ASP A 16 27.62 4.74 3.06
N PRO A 17 27.40 6.08 3.15
CA PRO A 17 26.38 6.48 4.13
C PRO A 17 24.98 5.90 3.86
N VAL A 18 24.66 5.64 2.60
CA VAL A 18 23.39 5.00 2.24
C VAL A 18 23.38 3.51 2.65
N LYS A 19 24.46 2.78 2.34
CA LYS A 19 24.56 1.36 2.69
C LYS A 19 24.58 1.13 4.18
N LYS A 20 25.13 2.10 4.91
CA LYS A 20 25.21 2.04 6.37
C LYS A 20 23.89 2.37 7.07
N ARG A 21 23.12 3.32 6.53
CA ARG A 21 21.83 3.64 7.15
C ARG A 21 20.69 3.74 6.13
N PRO A 22 20.35 2.59 5.50
CA PRO A 22 19.38 2.54 4.41
C PRO A 22 18.06 3.22 4.80
N GLY A 23 17.65 3.02 6.05
CA GLY A 23 16.41 3.58 6.59
C GLY A 23 16.35 5.11 6.67
N MET A 24 17.48 5.78 6.47
CA MET A 24 17.51 7.24 6.38
C MET A 24 17.37 7.73 4.93
N TYR A 25 17.43 6.81 3.97
CA TYR A 25 17.37 7.18 2.56
C TYR A 25 16.19 6.58 1.82
N THR A 26 15.46 5.66 2.46
CA THR A 26 14.33 5.00 1.85
C THR A 26 13.51 4.33 2.95
N ASN A 27 12.33 3.86 2.56
CA ASN A 27 11.50 3.04 3.40
C ASN A 27 11.87 1.60 3.09
N ILE A 28 12.33 0.90 4.11
CA ILE A 28 12.99 -0.40 4.00
C ILE A 28 12.06 -1.60 4.15
N GLU A 29 10.75 -1.38 4.24
CA GLU A 29 9.78 -2.47 4.33
C GLU A 29 9.86 -3.33 3.07
N ASN A 30 10.08 -2.67 1.93
CA ASN A 30 9.99 -3.27 0.64
C ASN A 30 10.66 -2.31 -0.34
N PRO A 31 10.77 -2.68 -1.64
CA PRO A 31 11.52 -1.78 -2.53
C PRO A 31 10.70 -0.68 -3.21
N ASN A 32 9.43 -0.56 -2.84
CA ASN A 32 8.53 0.44 -3.45
C ASN A 32 9.07 1.88 -3.49
N HIS A 33 9.65 2.37 -2.42
CA HIS A 33 10.22 3.72 -2.41
CA HIS A 33 10.16 3.72 -2.44
C HIS A 33 11.32 3.84 -3.40
N LEU A 34 12.14 2.79 -3.55
CA LEU A 34 13.14 2.79 -4.64
C LEU A 34 12.45 2.95 -6.00
N ILE A 35 11.43 2.14 -6.27
CA ILE A 35 10.63 2.33 -7.49
C ILE A 35 10.10 3.79 -7.57
N GLN A 36 9.69 4.37 -6.45
CA GLN A 36 9.26 5.77 -6.44
C GLN A 36 10.36 6.74 -6.90
N GLU A 37 11.59 6.53 -6.42
CA GLU A 37 12.72 7.37 -6.86
C GLU A 37 12.85 7.37 -8.37
N ILE A 38 12.75 6.18 -8.98
CA ILE A 38 12.88 6.08 -10.43
C ILE A 38 11.71 6.73 -11.15
N ILE A 39 10.48 6.44 -10.73
CA ILE A 39 9.28 7.12 -11.30
C ILE A 39 9.45 8.66 -11.26
N ASP A 40 9.79 9.21 -10.08
CA ASP A 40 9.99 10.67 -9.91
C ASP A 40 10.88 11.35 -10.92
N ASN A 41 11.96 10.66 -11.31
CA ASN A 41 12.88 11.20 -12.29
C ASN A 41 12.24 11.22 -13.68
N SER A 42 11.59 10.11 -13.99
CA SER A 42 10.90 9.97 -15.25
C SER A 42 9.70 10.96 -15.28
N VAL A 43 9.07 11.19 -14.13
CA VAL A 43 8.03 12.24 -14.03
C VAL A 43 8.59 13.67 -14.30
N ASP A 44 9.79 13.98 -13.82
CA ASP A 44 10.43 15.26 -14.13
C ASP A 44 10.63 15.46 -15.64
N GLU A 45 10.88 14.38 -16.37
CA GLU A 45 11.01 14.45 -17.81
C GLU A 45 9.65 14.62 -18.51
N VAL A 46 8.59 14.04 -17.95
CA VAL A 46 7.20 14.32 -18.41
C VAL A 46 6.82 15.80 -18.18
N LEU A 47 7.12 16.30 -16.99
CA LEU A 47 6.78 17.68 -16.61
C LEU A 47 7.53 18.72 -17.44
N ALA A 48 8.72 18.35 -17.90
CA ALA A 48 9.52 19.25 -18.73
C ALA A 48 9.04 19.23 -20.18
N GLY A 49 8.05 18.38 -20.47
CA GLY A 49 7.41 18.34 -21.79
C GLY A 49 7.96 17.32 -22.78
N PHE A 50 8.95 16.52 -22.37
CA PHE A 50 9.63 15.63 -23.33
C PHE A 50 9.24 14.16 -23.29
N ALA A 51 8.68 13.70 -22.18
CA ALA A 51 8.19 12.33 -22.10
C ALA A 51 6.68 12.30 -22.06
N SER A 52 6.10 11.30 -22.71
CA SER A 52 4.65 11.12 -22.68
C SER A 52 4.27 9.74 -22.15
N LYS A 53 5.29 8.88 -21.94
CA LYS A 53 5.09 7.46 -21.60
C LYS A 53 6.00 6.98 -20.49
N ILE A 54 5.40 6.33 -19.50
CA ILE A 54 6.16 5.67 -18.45
C ILE A 54 5.68 4.22 -18.37
N ASN A 55 6.59 3.29 -18.68
CA ASN A 55 6.30 1.85 -18.69
C ASN A 55 7.00 1.16 -17.53
N ILE A 56 6.25 0.42 -16.73
CA ILE A 56 6.81 -0.30 -15.60
C ILE A 56 6.63 -1.82 -15.77
N THR A 57 7.70 -2.56 -15.46
CA THR A 57 7.68 -4.02 -15.53
C THR A 57 8.21 -4.60 -14.21
N LEU A 58 7.47 -5.54 -13.68
CA LEU A 58 7.89 -6.33 -12.53
C LEU A 58 8.21 -7.74 -13.03
N TYR A 59 9.49 -8.14 -12.97
CA TYR A 59 9.92 -9.48 -13.39
C TYR A 59 9.88 -10.51 -12.26
N GLU A 60 9.84 -11.78 -12.68
CA GLU A 60 9.79 -12.94 -11.76
C GLU A 60 11.06 -13.14 -10.93
N ASP A 61 12.16 -12.50 -11.33
CA ASP A 61 13.40 -12.51 -10.54
C ASP A 61 13.40 -11.37 -9.51
N ASN A 62 12.25 -10.70 -9.41
CA ASN A 62 12.04 -9.61 -8.44
C ASN A 62 12.77 -8.32 -8.79
N SER A 63 13.12 -8.15 -10.06
CA SER A 63 13.61 -6.87 -10.54
C SER A 63 12.46 -5.98 -11.00
N ILE A 64 12.76 -4.70 -11.13
CA ILE A 64 11.77 -3.69 -11.49
C ILE A 64 12.36 -2.88 -12.61
N GLU A 65 11.62 -2.73 -13.68
CA GLU A 65 12.08 -1.93 -14.77
C GLU A 65 11.15 -0.73 -15.00
N VAL A 66 11.71 0.45 -15.22
CA VAL A 66 10.94 1.64 -15.56
C VAL A 66 11.52 2.28 -16.84
N ALA A 67 10.68 2.56 -17.82
CA ALA A 67 11.12 3.17 -19.06
C ALA A 67 10.32 4.40 -19.47
N ASP A 68 11.01 5.39 -20.01
CA ASP A 68 10.30 6.54 -20.56
C ASP A 68 10.74 6.84 -22.01
N ASP A 69 10.02 7.74 -22.69
CA ASP A 69 10.34 8.15 -24.05
C ASP A 69 10.86 9.60 -24.11
N GLY A 70 11.50 10.02 -23.01
CA GLY A 70 12.10 11.35 -22.87
C GLY A 70 13.41 11.48 -23.61
N ARG A 71 14.15 12.55 -23.35
CA ARG A 71 15.37 12.87 -24.13
C ARG A 71 16.49 11.87 -23.93
N GLY A 72 16.44 11.12 -22.82
CA GLY A 72 17.49 10.20 -22.43
C GLY A 72 18.47 10.88 -21.47
N MET A 73 18.80 10.17 -20.39
CA MET A 73 19.76 10.66 -19.39
CA MET A 73 19.75 10.66 -19.40
C MET A 73 21.09 11.00 -20.08
N PRO A 74 21.59 12.23 -19.86
CA PRO A 74 22.81 12.65 -20.57
C PRO A 74 24.00 11.74 -20.30
N VAL A 75 24.84 11.52 -21.30
CA VAL A 75 26.01 10.65 -21.16
C VAL A 75 27.35 11.36 -21.40
N ASP A 76 27.31 12.66 -21.71
CA ASP A 76 28.54 13.45 -21.89
CA ASP A 76 28.56 13.41 -21.91
C ASP A 76 29.49 13.31 -20.71
N ILE A 77 30.79 13.42 -20.97
CA ILE A 77 31.81 13.34 -19.92
C ILE A 77 31.88 14.63 -19.12
N HIS A 78 31.73 14.54 -17.80
CA HIS A 78 31.92 15.66 -16.91
C HIS A 78 33.38 16.08 -16.88
N PRO A 79 33.68 17.37 -17.14
CA PRO A 79 35.06 17.86 -17.18
C PRO A 79 35.83 17.60 -15.89
N GLU A 80 35.24 17.98 -14.75
CA GLU A 80 35.88 17.78 -13.45
C GLU A 80 35.88 16.31 -12.97
N HIS A 81 34.73 15.64 -13.06
CA HIS A 81 34.61 14.30 -12.45
C HIS A 81 35.03 13.16 -13.34
N LYS A 82 35.16 13.45 -14.63
CA LYS A 82 35.84 12.53 -15.57
C LYS A 82 35.05 11.25 -15.77
N MET A 83 33.72 11.37 -15.81
CA MET A 83 32.84 10.25 -16.08
C MET A 83 31.56 10.77 -16.73
N SER A 84 30.79 9.87 -17.33
CA SER A 84 29.54 10.23 -17.97
C SER A 84 28.47 10.64 -16.96
N GLY A 85 27.52 11.46 -17.40
CA GLY A 85 26.38 11.86 -16.58
C GLY A 85 25.70 10.67 -15.90
N ILE A 86 25.43 9.63 -16.67
CA ILE A 86 24.75 8.43 -16.14
C ILE A 86 25.56 7.76 -15.01
N GLU A 87 26.87 7.68 -15.16
CA GLU A 87 27.71 7.11 -14.11
C GLU A 87 27.82 8.04 -12.91
N LEU A 88 27.95 9.34 -13.18
CA LEU A 88 28.08 10.32 -12.11
C LEU A 88 26.81 10.36 -11.25
N ILE A 89 25.65 10.32 -11.90
CA ILE A 89 24.40 10.40 -11.14
C ILE A 89 24.10 9.07 -10.41
N MET A 90 24.58 7.96 -10.96
CA MET A 90 24.31 6.65 -10.36
C MET A 90 25.19 6.30 -9.17
N THR A 91 26.39 6.90 -9.09
CA THR A 91 27.44 6.35 -8.21
C THR A 91 27.90 7.26 -7.10
N LYS A 92 27.28 8.43 -7.01
CA LYS A 92 27.59 9.39 -5.99
C LYS A 92 26.31 10.00 -5.43
N LEU A 93 26.33 10.38 -4.14
CA LEU A 93 25.19 11.06 -3.53
C LEU A 93 25.30 12.54 -3.83
N HIS A 94 24.25 13.06 -4.44
CA HIS A 94 24.16 14.48 -4.77
C HIS A 94 23.26 15.17 -3.79
N SER A 95 23.74 16.28 -3.24
CA SER A 95 22.94 17.15 -2.37
C SER A 95 23.56 18.54 -2.39
N GLY A 96 22.90 19.48 -1.71
CA GLY A 96 23.32 20.87 -1.73
C GLY A 96 22.21 21.81 -1.31
N GLY A 97 22.54 23.10 -1.29
CA GLY A 97 21.60 24.13 -0.87
C GLY A 97 22.23 25.51 -0.72
N LYS A 98 21.53 26.36 0.02
CA LYS A 98 21.90 27.77 0.18
C LYS A 98 22.83 28.00 1.35
N PHE A 99 22.52 27.37 2.49
CA PHE A 99 23.31 27.49 3.71
C PHE A 99 23.20 26.15 4.41
N SER A 100 24.19 25.79 5.22
CA SER A 100 24.11 24.51 5.93
C SER A 100 23.34 24.64 7.24
N ASN A 101 22.99 23.49 7.82
CA ASN A 101 22.14 23.37 9.01
C ASN A 101 20.71 23.87 8.73
N GLY A 112 13.99 12.79 -4.38
CA GLY A 112 14.86 13.89 -3.95
C GLY A 112 16.26 13.46 -3.60
N VAL A 113 16.38 12.39 -2.80
CA VAL A 113 17.70 11.78 -2.51
C VAL A 113 18.51 11.42 -3.77
N GLY A 114 17.84 11.05 -4.85
CA GLY A 114 18.51 10.75 -6.13
C GLY A 114 18.54 9.25 -6.43
N VAL A 115 18.67 8.91 -7.71
CA VAL A 115 18.70 7.52 -8.16
C VAL A 115 19.90 6.71 -7.62
N SER A 116 20.95 7.39 -7.17
CA SER A 116 22.10 6.70 -6.59
C SER A 116 21.75 5.89 -5.32
N VAL A 117 20.67 6.28 -4.67
CA VAL A 117 20.19 5.51 -3.54
C VAL A 117 19.64 4.16 -4.00
N VAL A 118 18.96 4.16 -5.14
CA VAL A 118 18.46 2.92 -5.75
C VAL A 118 19.64 2.04 -6.21
N ASN A 119 20.67 2.65 -6.79
CA ASN A 119 21.86 1.91 -7.24
C ASN A 119 22.59 1.30 -6.05
N ALA A 120 22.88 2.13 -5.04
CA ALA A 120 23.47 1.67 -3.77
C ALA A 120 22.80 0.46 -3.11
N LEU A 121 21.47 0.45 -3.03
CA LEU A 121 20.72 -0.60 -2.32
C LEU A 121 20.31 -1.76 -3.23
N SER A 122 20.93 -1.82 -4.41
CA SER A 122 20.65 -2.84 -5.41
C SER A 122 21.90 -3.68 -5.71
N THR A 123 21.80 -5.01 -5.70
CA THR A 123 22.91 -5.90 -6.17
C THR A 123 23.30 -5.64 -7.62
N ARG A 124 22.34 -5.22 -8.46
CA ARG A 124 22.55 -4.99 -9.88
C ARG A 124 21.63 -3.87 -10.39
N LEU A 125 22.17 -3.04 -11.30
CA LEU A 125 21.37 -2.03 -11.96
C LEU A 125 21.83 -1.88 -13.39
N GLU A 126 20.88 -1.83 -14.31
CA GLU A 126 21.16 -1.66 -15.73
C GLU A 126 20.44 -0.44 -16.27
N ALA A 127 21.16 0.34 -17.05
CA ALA A 127 20.61 1.50 -17.72
C ALA A 127 20.79 1.36 -19.22
N GLU A 128 19.70 1.62 -19.93
CA GLU A 128 19.71 1.67 -21.36
C GLU A 128 19.17 3.04 -21.74
N ILE A 129 20.00 3.81 -22.44
CA ILE A 129 19.67 5.16 -22.79
C ILE A 129 19.74 5.28 -24.32
N LYS A 130 18.65 5.75 -24.91
CA LYS A 130 18.59 6.07 -26.33
C LYS A 130 18.64 7.59 -26.56
N ARG A 131 19.73 8.06 -27.16
CA ARG A 131 19.88 9.47 -27.57
C ARG A 131 20.74 9.52 -28.81
N ASP A 132 20.53 10.57 -29.61
CA ASP A 132 21.46 10.95 -30.68
C ASP A 132 21.74 9.78 -31.63
N GLY A 133 20.74 8.92 -31.84
CA GLY A 133 20.87 7.75 -32.70
C GLY A 133 21.55 6.54 -32.08
N ASN A 134 21.94 6.66 -30.80
CA ASN A 134 22.68 5.61 -30.10
C ASN A 134 21.90 4.94 -28.96
N VAL A 135 22.13 3.64 -28.83
CA VAL A 135 21.64 2.90 -27.68
C VAL A 135 22.85 2.68 -26.78
N TYR A 136 22.87 3.38 -25.64
CA TYR A 136 23.93 3.24 -24.66
C TYR A 136 23.54 2.23 -23.59
N HIS A 137 24.55 1.53 -23.04
CA HIS A 137 24.32 0.52 -22.01
C HIS A 137 25.37 0.56 -20.96
N ILE A 138 24.94 0.44 -19.70
CA ILE A 138 25.86 0.52 -18.58
C ILE A 138 25.32 -0.34 -17.44
N VAL A 139 26.23 -0.91 -16.65
CA VAL A 139 25.86 -1.86 -15.59
C VAL A 139 26.60 -1.56 -14.30
N PHE A 140 25.88 -1.62 -13.19
CA PHE A 140 26.44 -1.38 -11.88
C PHE A 140 26.16 -2.59 -11.02
N GLU A 141 26.92 -2.77 -9.96
CA GLU A 141 26.63 -3.75 -8.94
C GLU A 141 26.94 -3.10 -7.60
N ASP A 142 25.98 -3.17 -6.67
CA ASP A 142 26.15 -2.57 -5.34
C ASP A 142 26.61 -1.12 -5.36
N GLY A 143 26.20 -0.40 -6.42
CA GLY A 143 26.48 1.01 -6.56
C GLY A 143 27.78 1.38 -7.24
N PHE A 144 28.50 0.37 -7.75
CA PHE A 144 29.75 0.58 -8.50
C PHE A 144 29.61 0.08 -9.93
N LYS A 145 30.15 0.85 -10.88
CA LYS A 145 30.12 0.49 -12.31
C LYS A 145 30.96 -0.76 -12.55
N THR A 146 30.43 -1.69 -13.32
CA THR A 146 31.06 -3.00 -13.55
C THR A 146 31.12 -3.35 -15.03
N LYS A 147 30.35 -2.63 -15.84
CA LYS A 147 30.44 -2.69 -17.29
C LYS A 147 30.39 -1.25 -17.79
N ASP A 148 31.45 -0.84 -18.48
CA ASP A 148 31.58 0.51 -19.02
C ASP A 148 30.41 0.91 -19.92
N LEU A 149 30.14 2.22 -19.98
CA LEU A 149 29.24 2.78 -20.98
C LEU A 149 29.71 2.33 -22.37
N GLU A 150 28.81 1.71 -23.13
CA GLU A 150 29.12 1.36 -24.52
C GLU A 150 27.90 1.46 -25.42
N ILE A 151 28.12 1.87 -26.67
CA ILE A 151 27.06 1.89 -27.68
C ILE A 151 26.90 0.45 -28.18
N ILE A 152 25.73 -0.13 -27.91
CA ILE A 152 25.46 -1.54 -28.22
C ILE A 152 24.59 -1.75 -29.45
N ASP A 153 24.08 -0.65 -30.03
CA ASP A 153 23.13 -0.70 -31.13
C ASP A 153 22.84 0.72 -31.63
N ASN A 154 22.22 0.84 -32.79
CA ASN A 154 21.83 2.16 -33.28
C ASN A 154 20.35 2.23 -33.54
N VAL A 155 19.84 3.45 -33.73
CA VAL A 155 18.39 3.66 -33.72
C VAL A 155 18.08 5.01 -34.34
N GLY A 156 16.82 5.22 -34.74
CA GLY A 156 16.39 6.53 -35.26
C GLY A 156 16.74 7.66 -34.30
N LYS A 157 17.09 8.83 -34.86
CA LYS A 157 17.47 10.00 -34.06
C LYS A 157 16.36 10.49 -33.10
N LYS A 158 15.10 10.26 -33.48
CA LYS A 158 13.96 10.60 -32.64
C LYS A 158 13.40 9.42 -31.81
N ASN A 159 14.11 8.30 -31.84
CA ASN A 159 13.86 7.19 -30.94
C ASN A 159 14.72 7.43 -29.68
N THR A 160 14.12 8.03 -28.64
CA THR A 160 14.83 8.50 -27.46
C THR A 160 14.23 7.97 -26.16
N GLY A 161 15.01 7.97 -25.08
CA GLY A 161 14.51 7.44 -23.80
C GLY A 161 15.53 6.89 -22.82
N THR A 162 15.04 6.65 -21.61
CA THR A 162 15.82 6.12 -20.51
C THR A 162 15.07 4.91 -19.97
N LYS A 163 15.81 3.85 -19.70
CA LYS A 163 15.25 2.62 -19.18
C LYS A 163 16.19 2.09 -18.11
N ILE A 164 15.62 1.83 -16.93
CA ILE A 164 16.40 1.41 -15.77
C ILE A 164 15.79 0.12 -15.28
N ARG A 165 16.63 -0.91 -15.12
CA ARG A 165 16.18 -2.13 -14.49
C ARG A 165 17.05 -2.35 -13.25
N PHE A 166 16.43 -2.62 -12.09
CA PHE A 166 17.22 -2.81 -10.87
C PHE A 166 16.79 -3.99 -10.02
N TRP A 167 17.73 -4.50 -9.22
CA TRP A 167 17.56 -5.70 -8.41
C TRP A 167 17.82 -5.40 -6.96
N PRO A 168 16.76 -5.04 -6.21
CA PRO A 168 16.92 -4.68 -4.80
C PRO A 168 17.65 -5.76 -4.02
N ASN A 169 18.53 -5.33 -3.12
CA ASN A 169 19.35 -6.25 -2.34
C ASN A 169 18.64 -6.62 -1.07
N LYS A 170 18.38 -7.90 -0.87
CA LYS A 170 17.59 -8.41 0.28
C LYS A 170 18.12 -8.03 1.67
N LYS A 171 19.43 -7.85 1.83
CA LYS A 171 20.00 -7.46 3.12
C LYS A 171 19.54 -6.09 3.63
N TYR A 172 19.06 -5.21 2.75
CA TYR A 172 18.60 -3.90 3.19
C TYR A 172 17.09 -3.82 3.34
N PHE A 173 16.37 -4.86 2.94
CA PHE A 173 14.91 -4.83 3.01
C PHE A 173 14.27 -5.92 3.85
N ASP A 174 13.18 -5.57 4.53
CA ASP A 174 12.39 -6.54 5.30
C ASP A 174 11.78 -7.58 4.38
N ASP A 175 11.53 -7.18 3.14
CA ASP A 175 10.86 -8.00 2.13
C ASP A 175 11.21 -7.45 0.74
N ILE A 176 11.66 -8.33 -0.15
CA ILE A 176 12.00 -7.92 -1.53
C ILE A 176 10.81 -7.88 -2.49
N LYS A 177 9.69 -8.47 -2.10
CA LYS A 177 8.46 -8.44 -2.89
C LYS A 177 7.89 -7.03 -2.98
N VAL A 178 7.57 -6.64 -4.21
CA VAL A 178 6.92 -5.36 -4.45
C VAL A 178 5.47 -5.43 -3.95
N ASN A 179 5.04 -4.47 -3.14
CA ASN A 179 3.62 -4.29 -2.84
C ASN A 179 2.96 -3.78 -4.13
N PHE A 180 2.31 -4.69 -4.84
CA PHE A 180 1.69 -4.37 -6.15
C PHE A 180 0.53 -3.40 -6.03
N LYS A 181 -0.29 -3.59 -5.01
CA LYS A 181 -1.54 -2.87 -4.83
C LYS A 181 -1.25 -1.39 -4.62
N ALA A 182 -0.32 -1.09 -3.71
CA ALA A 182 0.08 0.30 -3.48
C ALA A 182 0.76 0.92 -4.69
N LEU A 183 1.58 0.13 -5.40
CA LEU A 183 2.20 0.60 -6.64
C LEU A 183 1.15 0.99 -7.67
N LYS A 184 0.15 0.14 -7.85
CA LYS A 184 -0.97 0.43 -8.75
C LYS A 184 -1.72 1.72 -8.34
N ASN A 185 -2.09 1.84 -7.06
CA ASN A 185 -2.73 3.06 -6.55
C ASN A 185 -1.91 4.30 -6.91
N LEU A 186 -0.59 4.21 -6.74
CA LEU A 186 0.29 5.35 -6.98
C LEU A 186 0.33 5.78 -8.44
N LEU A 187 0.40 4.80 -9.33
CA LEU A 187 0.48 5.05 -10.76
C LEU A 187 -0.82 5.69 -11.25
N GLU A 188 -1.96 5.21 -10.75
CA GLU A 188 -3.25 5.76 -11.12
C GLU A 188 -3.32 7.22 -10.66
N ALA A 189 -2.91 7.45 -9.41
CA ALA A 189 -2.88 8.78 -8.82
C ALA A 189 -2.14 9.77 -9.70
N LYS A 190 -0.99 9.35 -10.22
CA LYS A 190 -0.19 10.21 -11.10
C LYS A 190 -0.81 10.39 -12.47
N ALA A 191 -1.45 9.36 -13.01
CA ALA A 191 -1.98 9.47 -14.37
C ALA A 191 -3.16 10.43 -14.36
N ILE A 192 -3.92 10.40 -13.27
CA ILE A 192 -5.01 11.35 -13.02
C ILE A 192 -4.56 12.81 -13.13
N LEU A 193 -3.35 13.11 -12.67
CA LEU A 193 -2.86 14.48 -12.59
C LEU A 193 -2.11 14.95 -13.82
N CYS A 194 -1.98 14.08 -14.82
CA CYS A 194 -1.22 14.44 -16.00
C CYS A 194 -1.78 13.77 -17.24
N LYS A 195 -2.72 14.48 -17.89
CA LYS A 195 -3.48 13.96 -19.03
C LYS A 195 -2.62 13.69 -20.26
N ALA A 196 -1.46 14.32 -20.33
CA ALA A 196 -0.48 14.05 -21.39
C ALA A 196 0.39 12.81 -21.11
N LEU A 197 0.13 12.13 -19.99
CA LEU A 197 0.87 10.93 -19.60
C LEU A 197 0.04 9.67 -19.82
N THR A 198 0.70 8.64 -20.35
CA THR A 198 0.11 7.31 -20.35
C THR A 198 1.09 6.39 -19.64
N ILE A 199 0.62 5.76 -18.56
CA ILE A 199 1.40 4.82 -17.78
C ILE A 199 0.95 3.39 -18.10
N LYS A 200 1.93 2.49 -18.31
CA LYS A 200 1.68 1.06 -18.50
C LYS A 200 2.38 0.27 -17.42
N TYR A 201 1.76 -0.84 -17.07
CA TYR A 201 2.25 -1.64 -15.98
C TYR A 201 2.12 -3.10 -16.40
N SER A 202 3.22 -3.84 -16.28
CA SER A 202 3.18 -5.28 -16.48
C SER A 202 3.83 -5.99 -15.32
N ASN A 203 3.05 -6.85 -14.68
CA ASN A 203 3.52 -7.71 -13.61
C ASN A 203 3.60 -9.16 -14.11
N GLU A 204 4.83 -9.62 -14.38
CA GLU A 204 5.04 -10.93 -15.00
C GLU A 204 4.89 -12.09 -14.00
N ILE A 205 4.94 -11.79 -12.71
CA ILE A 205 4.66 -12.79 -11.69
C ILE A 205 3.17 -13.12 -11.67
N LYS A 206 2.33 -12.08 -11.58
CA LYS A 206 0.89 -12.24 -11.53
C LYS A 206 0.26 -12.42 -12.92
N LYS A 207 1.00 -12.11 -13.99
CA LYS A 207 0.48 -12.10 -15.38
C LYS A 207 -0.72 -11.14 -15.49
N GLU A 208 -0.40 -9.85 -15.45
CA GLU A 208 -1.40 -8.81 -15.30
C GLU A 208 -0.81 -7.55 -15.94
N LYS A 209 -1.54 -6.95 -16.87
CA LYS A 209 -1.16 -5.65 -17.42
C LYS A 209 -2.23 -4.58 -17.18
N LEU A 210 -1.78 -3.38 -16.86
CA LEU A 210 -2.66 -2.22 -16.77
C LEU A 210 -2.20 -1.07 -17.64
N THR A 211 -3.17 -0.27 -18.11
CA THR A 211 -2.88 0.98 -18.80
C THR A 211 -3.75 2.09 -18.21
N TRP A 212 -3.11 3.13 -17.70
CA TRP A 212 -3.78 4.33 -17.25
C TRP A 212 -3.51 5.50 -18.16
N HIS A 213 -4.57 6.09 -18.70
CA HIS A 213 -4.48 7.33 -19.44
C HIS A 213 -5.77 8.10 -19.25
N PHE A 214 -5.66 9.26 -18.62
CA PHE A 214 -6.83 10.04 -18.28
C PHE A 214 -6.94 11.29 -19.15
N GLU A 215 -7.57 11.17 -20.31
CA GLU A 215 -7.72 12.28 -21.25
C GLU A 215 -8.32 13.53 -20.60
N THR A 216 -9.34 13.36 -19.77
CA THR A 216 -9.97 14.50 -19.08
C THR A 216 -9.45 14.71 -17.66
N GLY A 217 -8.29 14.12 -17.35
CA GLY A 217 -7.63 14.32 -16.06
C GLY A 217 -8.52 14.05 -14.85
N LEU A 218 -8.62 15.06 -13.97
CA LEU A 218 -9.44 14.96 -12.76
C LEU A 218 -10.96 14.99 -12.98
N LYS A 219 -11.43 15.23 -14.20
CA LYS A 219 -12.88 15.28 -14.38
C LYS A 219 -13.55 13.99 -13.91
N GLY A 220 -14.52 14.15 -13.01
CA GLY A 220 -15.35 13.04 -12.56
C GLY A 220 -14.90 12.39 -11.27
N TYR A 221 -13.67 12.72 -10.85
CA TYR A 221 -13.04 12.05 -9.71
C TYR A 221 -13.76 12.31 -8.38
N LEU A 222 -14.08 13.59 -8.13
CA LEU A 222 -14.89 13.96 -6.97
C LEU A 222 -16.29 13.36 -6.98
N ASP A 223 -16.94 13.39 -8.15
CA ASP A 223 -18.24 12.74 -8.34
C ASP A 223 -18.20 11.25 -7.95
N HIS A 224 -17.15 10.56 -8.38
CA HIS A 224 -16.98 9.13 -8.12
C HIS A 224 -16.64 8.85 -6.68
N LYS A 225 -15.78 9.68 -6.09
CA LYS A 225 -15.37 9.47 -4.70
C LYS A 225 -16.36 10.08 -3.73
N LEU A 231 -22.42 20.57 -4.29
CA LEU A 231 -22.53 21.99 -4.67
C LEU A 231 -21.18 22.59 -5.06
N PRO A 232 -21.01 22.96 -6.33
CA PRO A 232 -21.93 22.71 -7.45
C PRO A 232 -22.24 21.22 -7.62
N ALA A 233 -23.41 20.92 -8.19
CA ALA A 233 -23.79 19.54 -8.49
C ALA A 233 -22.74 18.88 -9.38
N GLU A 234 -22.32 19.61 -10.42
CA GLU A 234 -21.16 19.26 -11.24
C GLU A 234 -19.96 20.07 -10.75
N PRO A 235 -19.03 19.43 -10.01
CA PRO A 235 -17.91 20.15 -9.37
C PRO A 235 -17.11 21.05 -10.32
N PHE A 236 -16.53 22.11 -9.75
CA PHE A 236 -15.82 23.11 -10.54
C PHE A 236 -14.42 22.64 -10.89
N ILE A 237 -14.05 22.80 -12.16
CA ILE A 237 -12.77 22.32 -12.65
C ILE A 237 -11.94 23.48 -13.18
N ILE A 238 -10.72 23.60 -12.65
CA ILE A 238 -9.71 24.46 -13.26
C ILE A 238 -8.77 23.56 -14.06
N ASP A 239 -8.77 23.78 -15.37
CA ASP A 239 -8.15 22.87 -16.32
C ASP A 239 -6.91 23.49 -16.95
N ASN A 240 -5.75 23.10 -16.43
CA ASN A 240 -4.46 23.54 -16.96
C ASN A 240 -4.32 25.06 -17.11
N PHE A 241 -4.45 25.78 -16.01
CA PHE A 241 -4.23 27.22 -16.01
C PHE A 241 -2.74 27.50 -15.84
N SER A 242 -2.22 28.50 -16.54
CA SER A 242 -0.79 28.82 -16.48
C SER A 242 -0.42 30.30 -16.44
N ASN A 243 0.76 30.55 -15.88
CA ASN A 243 1.42 31.85 -15.93
C ASN A 243 2.92 31.58 -16.10
N GLY A 244 3.38 31.56 -17.34
CA GLY A 244 4.77 31.23 -17.66
C GLY A 244 5.04 29.75 -17.50
N ASP A 245 5.97 29.43 -16.60
CA ASP A 245 6.31 28.04 -16.27
C ASP A 245 5.68 27.59 -14.94
N SER A 246 4.42 27.96 -14.74
CA SER A 246 3.63 27.52 -13.60
C SER A 246 2.26 27.08 -14.07
N TYR A 247 1.83 25.91 -13.61
CA TYR A 247 0.61 25.29 -14.09
C TYR A 247 -0.25 24.83 -12.92
N LEU A 248 -1.56 24.95 -13.10
CA LEU A 248 -2.54 24.66 -12.04
C LEU A 248 -3.70 23.83 -12.56
N ASP A 249 -3.95 22.70 -11.88
CA ASP A 249 -5.14 21.87 -12.11
C ASP A 249 -5.87 21.77 -10.79
N ALA A 250 -7.20 21.84 -10.83
CA ALA A 250 -7.97 21.86 -9.59
C ALA A 250 -9.38 21.42 -9.81
N VAL A 251 -9.94 20.76 -8.80
CA VAL A 251 -11.35 20.45 -8.81
C VAL A 251 -11.85 20.59 -7.37
N PHE A 252 -13.00 21.22 -7.20
CA PHE A 252 -13.56 21.41 -5.86
C PHE A 252 -15.08 21.57 -5.82
N CYS A 253 -15.64 21.39 -4.63
CA CYS A 253 -17.06 21.55 -4.37
C CYS A 253 -17.25 21.60 -2.86
N TRP A 254 -18.47 21.93 -2.44
CA TRP A 254 -18.84 21.91 -1.02
C TRP A 254 -19.68 20.70 -0.74
N CYS A 255 -19.58 20.16 0.48
CA CYS A 255 -20.30 18.94 0.81
C CYS A 255 -20.56 18.77 2.30
N GLU A 256 -21.49 17.86 2.63
CA GLU A 256 -21.73 17.42 4.02
C GLU A 256 -21.66 15.89 4.13
N SER A 261 -14.27 12.56 3.32
CA SER A 261 -14.10 13.80 2.57
C SER A 261 -12.69 13.95 1.98
N ILE A 262 -12.62 14.37 0.72
CA ILE A 262 -11.38 14.47 -0.05
C ILE A 262 -10.76 15.86 -0.01
N LYS A 263 -9.51 15.93 0.46
CA LYS A 263 -8.78 17.19 0.58
C LYS A 263 -7.31 17.06 0.18
N ASN A 264 -7.07 16.68 -1.07
CA ASN A 264 -5.72 16.37 -1.57
C ASN A 264 -5.02 17.50 -2.33
N SER A 265 -3.75 17.72 -2.01
CA SER A 265 -2.92 18.68 -2.74
C SER A 265 -1.56 18.10 -3.19
N TYR A 266 -1.08 18.58 -4.34
CA TYR A 266 0.11 18.03 -4.98
C TYR A 266 0.99 19.11 -5.56
N VAL A 267 2.30 18.88 -5.51
CA VAL A 267 3.29 19.68 -6.22
C VAL A 267 4.10 18.70 -7.09
N ASN A 268 4.10 18.95 -8.39
CA ASN A 268 4.83 18.13 -9.36
C ASN A 268 4.53 16.62 -9.21
N LEU A 269 3.26 16.33 -8.95
CA LEU A 269 2.67 14.97 -8.87
C LEU A 269 2.97 14.17 -7.57
N ILE A 270 3.68 14.80 -6.64
CA ILE A 270 3.97 14.19 -5.35
C ILE A 270 3.19 14.87 -4.20
N PRO A 271 2.51 14.07 -3.35
CA PRO A 271 1.64 14.62 -2.30
C PRO A 271 2.32 15.60 -1.36
N THR A 272 1.57 16.62 -0.94
CA THR A 272 1.99 17.53 0.12
C THR A 272 1.01 17.38 1.28
N PRO A 273 1.17 16.33 2.10
CA PRO A 273 0.16 16.02 3.12
C PRO A 273 0.01 17.13 4.17
N GLN A 274 0.96 18.06 4.20
CA GLN A 274 0.89 19.21 5.10
C GLN A 274 0.68 20.54 4.36
N ASP A 275 -0.06 20.49 3.24
CA ASP A 275 -0.49 21.68 2.52
C ASP A 275 0.63 22.66 2.11
N GLY A 276 0.40 23.97 2.29
CA GLY A 276 1.35 25.01 1.87
C GLY A 276 0.75 26.13 1.03
N THR A 277 1.63 26.94 0.44
CA THR A 277 1.24 28.12 -0.35
C THR A 277 0.22 27.88 -1.47
N HIS A 278 0.20 26.68 -2.02
CA HIS A 278 -0.74 26.36 -3.09
C HIS A 278 -2.13 26.13 -2.54
N VAL A 279 -2.21 25.51 -1.37
CA VAL A 279 -3.48 25.36 -0.67
C VAL A 279 -4.03 26.72 -0.17
N THR A 280 -3.20 27.47 0.54
CA THR A 280 -3.52 28.82 0.99
C THR A 280 -3.99 29.65 -0.19
N GLY A 281 -3.47 29.32 -1.37
CA GLY A 281 -3.87 29.99 -2.60
C GLY A 281 -5.29 29.66 -2.98
N LEU A 282 -5.67 28.39 -2.85
CA LEU A 282 -7.03 27.99 -3.16
C LEU A 282 -8.01 28.60 -2.15
N LYS A 283 -7.63 28.54 -0.87
CA LYS A 283 -8.39 29.06 0.25
C LYS A 283 -8.72 30.54 0.07
N ASN A 284 -7.68 31.34 -0.15
CA ASN A 284 -7.85 32.78 -0.33
C ASN A 284 -8.64 33.13 -1.57
N GLY A 285 -8.34 32.46 -2.68
CA GLY A 285 -9.06 32.67 -3.95
C GLY A 285 -10.55 32.37 -3.87
N ILE A 286 -10.91 31.40 -3.04
CA ILE A 286 -12.31 31.04 -2.84
C ILE A 286 -13.01 32.11 -2.00
N TYR A 287 -12.41 32.46 -0.86
CA TYR A 287 -12.86 33.53 0.00
C TYR A 287 -13.09 34.82 -0.79
N ASP A 288 -12.07 35.29 -1.48
CA ASP A 288 -12.17 36.51 -2.28
C ASP A 288 -13.37 36.47 -3.23
N ALA A 289 -13.64 35.30 -3.80
CA ALA A 289 -14.71 35.14 -4.77
C ALA A 289 -16.09 35.20 -4.13
N ILE A 290 -16.22 34.59 -2.95
CA ILE A 290 -17.49 34.55 -2.20
C ILE A 290 -17.81 35.93 -1.60
N LYS A 291 -16.77 36.58 -1.09
CA LYS A 291 -16.86 37.90 -0.46
C LYS A 291 -17.33 38.94 -1.49
N ALA A 292 -16.68 38.94 -2.65
CA ALA A 292 -17.03 39.86 -3.75
C ALA A 292 -18.45 39.64 -4.26
N TYR A 293 -18.85 38.37 -4.34
CA TYR A 293 -20.16 38.01 -4.85
C TYR A 293 -21.27 38.37 -3.87
N ILE A 294 -21.04 38.13 -2.57
CA ILE A 294 -21.93 38.61 -1.52
C ILE A 294 -22.11 40.12 -1.61
N GLU A 295 -21.00 40.83 -1.83
CA GLU A 295 -21.03 42.28 -1.87
C GLU A 295 -21.79 42.81 -3.08
N LYS A 296 -21.62 42.17 -4.23
CA LYS A 296 -22.18 42.64 -5.50
C LYS A 296 -23.61 42.16 -5.78
N ASN A 297 -24.22 41.45 -4.83
CA ASN A 297 -25.53 40.86 -5.06
C ASN A 297 -26.61 41.19 -4.03
N SER A 298 -26.59 40.51 -2.87
CA SER A 298 -27.53 40.76 -1.75
C SER A 298 -27.63 39.59 -0.76
N LEU A 299 -28.66 38.75 -0.95
CA LEU A 299 -28.81 37.46 -0.26
C LEU A 299 -29.02 37.53 1.27
N SER A 300 -29.22 38.74 1.80
CA SER A 300 -29.37 38.99 3.25
C SER A 300 -28.22 38.44 4.11
N VAL A 301 -27.01 38.53 3.56
CA VAL A 301 -25.85 37.92 4.17
C VAL A 301 -24.70 38.94 4.33
N LYS A 302 -24.96 40.17 3.89
CA LYS A 302 -23.96 41.24 3.88
C LYS A 302 -23.48 41.63 5.27
N ASN A 303 -24.30 41.38 6.27
CA ASN A 303 -23.94 41.77 7.62
C ASN A 303 -23.35 40.61 8.42
N ILE A 304 -23.08 39.50 7.74
CA ILE A 304 -22.52 38.34 8.42
C ILE A 304 -21.01 38.36 8.23
N LYS A 305 -20.28 38.35 9.34
CA LYS A 305 -18.81 38.40 9.29
C LYS A 305 -18.18 37.07 8.85
N ILE A 306 -18.30 36.77 7.56
CA ILE A 306 -17.72 35.55 6.97
C ILE A 306 -16.18 35.60 6.89
N THR A 307 -15.55 34.46 7.16
CA THR A 307 -14.09 34.34 7.13
C THR A 307 -13.66 33.34 6.05
N ALA A 308 -12.41 33.47 5.62
CA ALA A 308 -11.74 32.48 4.76
C ALA A 308 -11.95 31.04 5.27
N ASN A 309 -11.78 30.85 6.57
CA ASN A 309 -12.07 29.57 7.20
C ASN A 309 -13.48 29.08 6.96
N ASP A 310 -14.47 29.99 7.01
CA ASP A 310 -15.88 29.63 6.79
C ASP A 310 -16.13 29.11 5.38
N SER A 311 -15.68 29.85 4.37
CA SER A 311 -15.90 29.44 2.98
C SER A 311 -15.05 28.23 2.56
N PHE A 312 -14.08 27.88 3.39
CA PHE A 312 -13.22 26.73 3.13
C PHE A 312 -13.70 25.49 3.90
N ALA A 313 -14.52 25.70 4.93
CA ALA A 313 -14.84 24.65 5.91
C ALA A 313 -15.36 23.35 5.30
N GLN A 314 -16.34 23.47 4.42
CA GLN A 314 -16.97 22.28 3.87
C GLN A 314 -16.47 21.98 2.45
N LEU A 315 -15.33 22.55 2.09
CA LEU A 315 -14.78 22.39 0.75
C LEU A 315 -14.00 21.08 0.57
N ASN A 316 -14.42 20.32 -0.45
CA ASN A 316 -13.73 19.13 -0.92
C ASN A 316 -13.06 19.45 -2.23
N TYR A 317 -11.79 19.05 -2.37
CA TYR A 317 -10.97 19.42 -3.54
C TYR A 317 -9.77 18.51 -3.79
N VAL A 318 -9.27 18.58 -5.02
CA VAL A 318 -7.89 18.23 -5.33
C VAL A 318 -7.30 19.43 -6.05
N ILE A 319 -6.16 19.91 -5.56
CA ILE A 319 -5.35 20.90 -6.26
C ILE A 319 -3.94 20.37 -6.60
N SER A 320 -3.52 20.58 -7.84
CA SER A 320 -2.24 20.04 -8.31
C SER A 320 -1.50 21.11 -9.09
N VAL A 321 -0.36 21.56 -8.55
CA VAL A 321 0.40 22.61 -9.20
C VAL A 321 1.71 22.07 -9.79
N LYS A 322 2.15 22.67 -10.89
CA LYS A 322 3.35 22.26 -11.58
C LYS A 322 4.28 23.45 -11.72
N ILE A 323 5.27 23.53 -10.82
CA ILE A 323 6.16 24.70 -10.76
C ILE A 323 7.65 24.37 -10.90
N THR A 324 8.43 25.40 -11.20
CA THR A 324 9.83 25.24 -11.64
C THR A 324 10.79 24.76 -10.55
N ASN A 325 10.90 25.50 -9.46
CA ASN A 325 11.79 25.08 -8.36
C ASN A 325 11.07 25.01 -7.03
N PRO A 326 10.28 23.94 -6.83
CA PRO A 326 9.44 23.82 -5.64
C PRO A 326 10.25 23.86 -4.34
N GLN A 327 10.10 24.95 -3.59
CA GLN A 327 10.74 25.09 -2.28
C GLN A 327 9.77 24.59 -1.21
N PHE A 328 10.30 23.89 -0.20
CA PHE A 328 9.48 23.27 0.84
C PHE A 328 9.85 23.73 2.25
N ALA A 329 9.12 23.23 3.25
CA ALA A 329 9.34 23.57 4.65
C ALA A 329 10.32 22.62 5.33
N GLY A 330 11.22 23.19 6.13
CA GLY A 330 12.22 22.41 6.86
C GLY A 330 13.17 21.66 5.94
N GLN A 331 13.39 20.38 6.25
CA GLN A 331 14.28 19.53 5.45
C GLN A 331 13.50 18.50 4.63
N THR A 332 12.21 18.37 4.93
CA THR A 332 11.30 17.47 4.21
C THR A 332 10.64 18.17 3.01
N LYS A 333 9.96 17.40 2.17
CA LYS A 333 9.24 17.96 1.01
C LYS A 333 7.73 17.73 1.10
N GLU A 334 7.12 18.25 2.17
CA GLU A 334 5.71 17.97 2.48
C GLU A 334 4.82 19.23 2.60
N LYS A 335 5.43 20.40 2.54
CA LYS A 335 4.70 21.66 2.54
C LYS A 335 5.33 22.68 1.59
N LEU A 336 4.60 23.04 0.53
CA LEU A 336 5.08 24.04 -0.42
C LEU A 336 5.25 25.42 0.25
N SER A 337 6.39 26.05 0.01
CA SER A 337 6.74 27.32 0.64
C SER A 337 6.78 28.50 -0.31
N ASN A 338 7.08 28.25 -1.58
CA ASN A 338 7.21 29.33 -2.57
C ASN A 338 6.19 30.45 -2.36
N LYS A 339 6.69 31.59 -1.89
CA LYS A 339 5.85 32.69 -1.45
C LYS A 339 4.99 33.33 -2.54
N ASP A 340 5.26 32.99 -3.80
CA ASP A 340 4.56 33.57 -4.94
C ASP A 340 3.60 32.59 -5.63
N VAL A 341 3.46 31.39 -5.08
CA VAL A 341 2.47 30.44 -5.58
C VAL A 341 1.12 30.81 -4.97
N THR A 342 1.17 31.32 -3.74
CA THR A 342 -0.03 31.69 -3.01
C THR A 342 -0.94 32.64 -3.81
N ASN A 343 -0.36 33.68 -4.39
CA ASN A 343 -1.13 34.64 -5.18
C ASN A 343 -1.30 34.20 -6.62
N PHE A 344 -0.42 33.31 -7.09
CA PHE A 344 -0.60 32.67 -8.39
C PHE A 344 -1.92 31.88 -8.41
N VAL A 345 -2.15 31.06 -7.38
CA VAL A 345 -3.38 30.27 -7.26
C VAL A 345 -4.61 31.15 -6.96
N ALA A 346 -4.48 31.98 -5.91
CA ALA A 346 -5.58 32.83 -5.43
C ALA A 346 -6.25 33.64 -6.55
N THR A 347 -5.44 34.36 -7.31
CA THR A 347 -5.93 35.18 -8.43
C THR A 347 -6.70 34.32 -9.46
N ALA A 348 -6.11 33.19 -9.84
CA ALA A 348 -6.72 32.28 -10.82
C ALA A 348 -8.04 31.70 -10.33
N VAL A 349 -8.07 31.23 -9.09
CA VAL A 349 -9.30 30.72 -8.49
C VAL A 349 -10.40 31.80 -8.45
N LYS A 350 -10.06 32.99 -7.94
CA LYS A 350 -11.02 34.11 -7.88
C LYS A 350 -11.67 34.42 -9.24
N ASP A 351 -10.84 34.67 -10.25
CA ASP A 351 -11.34 35.00 -11.60
C ASP A 351 -12.23 33.90 -12.18
N LEU A 352 -11.73 32.66 -12.20
CA LEU A 352 -12.50 31.55 -12.77
C LEU A 352 -13.80 31.28 -11.98
N LEU A 353 -13.71 31.25 -10.66
CA LEU A 353 -14.89 30.99 -9.83
C LEU A 353 -15.95 32.10 -9.90
N THR A 354 -15.51 33.36 -9.98
CA THR A 354 -16.43 34.51 -10.10
C THR A 354 -17.24 34.43 -11.39
N ILE A 355 -16.55 34.18 -12.50
CA ILE A 355 -17.19 33.91 -13.79
C ILE A 355 -18.27 32.83 -13.65
N TRP A 356 -17.94 31.73 -12.98
CA TRP A 356 -18.90 30.64 -12.81
C TRP A 356 -20.07 31.01 -11.93
N LEU A 357 -19.78 31.66 -10.81
CA LEU A 357 -20.83 32.20 -9.93
C LEU A 357 -21.77 33.13 -10.71
N ASN A 358 -21.19 34.00 -11.53
CA ASN A 358 -21.94 34.96 -12.36
C ASN A 358 -22.57 34.37 -13.61
N GLN A 359 -22.84 33.06 -13.59
CA GLN A 359 -23.62 32.40 -14.64
C GLN A 359 -24.36 31.18 -14.09
N ASN A 360 -24.23 30.96 -12.79
CA ASN A 360 -24.95 29.91 -12.09
C ASN A 360 -25.64 30.45 -10.83
N PRO A 361 -26.78 31.14 -11.01
CA PRO A 361 -27.43 31.90 -9.94
C PRO A 361 -27.99 31.05 -8.80
N ASP A 362 -28.73 29.99 -9.15
CA ASP A 362 -29.38 29.16 -8.14
C ASP A 362 -28.38 28.50 -7.20
N GLU A 363 -27.23 28.11 -7.73
CA GLU A 363 -26.24 27.38 -6.94
C GLU A 363 -25.33 28.29 -6.15
N ALA A 364 -24.90 29.39 -6.76
CA ALA A 364 -24.16 30.43 -6.06
C ALA A 364 -24.87 30.73 -4.73
N ARG A 365 -26.15 31.09 -4.85
CA ARG A 365 -27.01 31.41 -3.72
C ARG A 365 -26.96 30.33 -2.64
N GLN A 366 -27.10 29.07 -3.06
CA GLN A 366 -27.00 27.93 -2.13
C GLN A 366 -25.62 27.85 -1.47
N ILE A 367 -24.55 27.97 -2.26
CA ILE A 367 -23.17 27.96 -1.74
C ILE A 367 -22.98 29.07 -0.70
N VAL A 368 -23.41 30.28 -1.05
CA VAL A 368 -23.35 31.43 -0.15
C VAL A 368 -24.08 31.19 1.16
N GLU A 369 -25.31 30.67 1.07
CA GLU A 369 -26.17 30.49 2.25
C GLU A 369 -25.57 29.50 3.26
N ASN A 370 -25.11 28.34 2.78
CA ASN A 370 -24.48 27.33 3.64
C ASN A 370 -23.21 27.85 4.29
N ILE A 371 -22.45 28.64 3.54
CA ILE A 371 -21.25 29.31 4.05
C ILE A 371 -21.62 30.29 5.18
N SER A 372 -22.63 31.12 4.94
CA SER A 372 -23.13 32.01 6.00
C SER A 372 -23.54 31.20 7.23
N LYS A 373 -24.21 30.07 7.01
CA LYS A 373 -24.61 29.20 8.13
C LYS A 373 -23.41 28.73 8.96
N VAL A 374 -22.32 28.37 8.29
CA VAL A 374 -21.09 27.93 8.97
C VAL A 374 -20.52 29.09 9.78
N ALA A 375 -20.59 30.29 9.21
CA ALA A 375 -20.09 31.49 9.87
C ALA A 375 -20.91 31.86 11.11
N GLN A 376 -22.23 31.80 11.00
CA GLN A 376 -23.12 32.15 12.12
C GLN A 376 -22.94 31.18 13.30
N LYS A 377 -22.82 29.89 13.00
CA LYS A 377 -22.56 28.87 14.03
C LYS A 377 -21.23 29.09 14.73
N ARG A 378 -20.23 29.61 14.01
CA ARG A 378 -18.95 29.97 14.63
C ARG A 378 -19.11 31.20 15.54
N ILE A 379 -19.84 32.19 15.06
CA ILE A 379 -20.08 33.43 15.81
C ILE A 379 -20.97 33.21 17.06
N ASN A 380 -21.87 32.22 16.98
CA ASN A 380 -22.72 31.85 18.13
C ASN A 380 -22.13 30.71 18.94
N SER B 8 -32.42 -29.13 14.61
CA SER B 8 -33.76 -29.33 13.99
C SER B 8 -33.63 -29.99 12.62
N ILE B 9 -32.87 -29.36 11.73
CA ILE B 9 -32.47 -29.96 10.46
C ILE B 9 -30.95 -30.14 10.50
N GLU B 10 -30.50 -31.38 10.46
CA GLU B 10 -29.09 -31.69 10.65
C GLU B 10 -28.51 -32.31 9.37
N VAL B 11 -27.44 -31.70 8.86
CA VAL B 11 -26.84 -32.11 7.58
C VAL B 11 -25.41 -32.64 7.75
N LEU B 12 -25.05 -33.63 6.93
CA LEU B 12 -23.71 -34.21 6.94
C LEU B 12 -23.24 -34.58 5.54
N THR B 13 -22.32 -33.79 4.99
CA THR B 13 -21.74 -34.08 3.69
C THR B 13 -20.32 -34.63 3.85
N GLY B 14 -19.82 -35.30 2.81
CA GLY B 14 -18.40 -35.63 2.69
C GLY B 14 -17.60 -34.38 2.38
N LEU B 15 -16.30 -34.53 2.17
CA LEU B 15 -15.43 -33.36 1.97
C LEU B 15 -15.08 -33.03 0.51
N ASP B 16 -15.90 -33.50 -0.43
CA ASP B 16 -15.74 -33.14 -1.85
C ASP B 16 -16.23 -31.72 -2.20
N PRO B 17 -17.37 -31.27 -1.60
CA PRO B 17 -17.77 -29.89 -1.90
C PRO B 17 -16.74 -28.84 -1.49
N VAL B 18 -15.93 -29.13 -0.47
CA VAL B 18 -14.91 -28.18 0.00
C VAL B 18 -13.76 -28.07 -0.99
N LYS B 19 -13.23 -29.22 -1.41
CA LYS B 19 -12.15 -29.27 -2.38
C LYS B 19 -12.55 -28.78 -3.77
N LYS B 20 -13.84 -28.92 -4.09
CA LYS B 20 -14.41 -28.44 -5.35
C LYS B 20 -14.41 -26.90 -5.44
N ARG B 21 -14.94 -26.25 -4.39
CA ARG B 21 -14.98 -24.79 -4.33
C ARG B 21 -14.36 -24.23 -3.05
N PRO B 22 -13.02 -24.31 -2.94
CA PRO B 22 -12.32 -23.76 -1.75
C PRO B 22 -12.76 -22.34 -1.40
N GLY B 23 -12.99 -21.52 -2.42
CA GLY B 23 -13.43 -20.14 -2.21
C GLY B 23 -14.75 -19.98 -1.48
N MET B 24 -15.55 -21.05 -1.44
CA MET B 24 -16.86 -21.02 -0.77
C MET B 24 -16.75 -21.33 0.72
N TYR B 25 -15.62 -21.86 1.16
CA TYR B 25 -15.47 -22.30 2.56
C TYR B 25 -14.38 -21.51 3.32
N THR B 26 -13.47 -20.86 2.58
CA THR B 26 -12.38 -20.05 3.16
C THR B 26 -11.85 -18.97 2.20
N ASN B 27 -11.00 -18.09 2.72
CA ASN B 27 -10.28 -17.12 1.90
C ASN B 27 -8.98 -17.78 1.39
N ILE B 28 -8.85 -17.85 0.07
CA ILE B 28 -7.77 -18.66 -0.54
C ILE B 28 -6.44 -17.93 -0.79
N GLU B 29 -6.36 -16.66 -0.40
CA GLU B 29 -5.12 -15.88 -0.60
C GLU B 29 -3.97 -16.39 0.25
N ASN B 30 -4.32 -16.89 1.44
CA ASN B 30 -3.40 -17.46 2.42
C ASN B 30 -4.18 -18.26 3.46
N PRO B 31 -3.50 -19.15 4.22
CA PRO B 31 -4.19 -19.97 5.22
C PRO B 31 -4.69 -19.25 6.49
N ASN B 32 -4.79 -17.93 6.48
CA ASN B 32 -5.16 -17.18 7.69
C ASN B 32 -6.56 -17.45 8.21
N HIS B 33 -7.52 -17.56 7.29
CA HIS B 33 -8.90 -17.85 7.65
C HIS B 33 -9.00 -19.24 8.26
N LEU B 34 -8.22 -20.17 7.72
CA LEU B 34 -8.07 -21.52 8.25
C LEU B 34 -7.52 -21.55 9.69
N ILE B 35 -6.59 -20.65 10.00
CA ILE B 35 -6.05 -20.51 11.35
C ILE B 35 -7.17 -19.99 12.24
N GLN B 36 -7.89 -18.99 11.72
CA GLN B 36 -8.98 -18.37 12.45
C GLN B 36 -10.08 -19.38 12.79
N GLU B 37 -10.35 -20.32 11.89
CA GLU B 37 -11.32 -21.38 12.16
C GLU B 37 -10.88 -22.22 13.35
N ILE B 38 -9.60 -22.60 13.38
CA ILE B 38 -9.05 -23.30 14.53
C ILE B 38 -9.08 -22.43 15.80
N ILE B 39 -8.70 -21.16 15.69
CA ILE B 39 -8.72 -20.21 16.82
C ILE B 39 -10.13 -20.10 17.42
N ASP B 40 -11.14 -20.14 16.57
CA ASP B 40 -12.53 -19.97 17.01
C ASP B 40 -13.03 -21.13 17.88
N ASN B 41 -12.49 -22.31 17.66
CA ASN B 41 -12.86 -23.47 18.46
C ASN B 41 -12.31 -23.38 19.90
N SER B 42 -11.03 -23.05 20.04
CA SER B 42 -10.42 -22.76 21.36
C SER B 42 -11.15 -21.67 22.11
N VAL B 43 -11.56 -20.64 21.38
CA VAL B 43 -12.28 -19.50 21.98
C VAL B 43 -13.59 -19.95 22.61
N ASP B 44 -14.30 -20.87 21.95
CA ASP B 44 -15.53 -21.40 22.51
C ASP B 44 -15.30 -22.09 23.87
N GLU B 45 -14.23 -22.89 23.97
CA GLU B 45 -13.79 -23.47 25.25
C GLU B 45 -13.48 -22.44 26.30
N VAL B 46 -12.83 -21.35 25.90
CA VAL B 46 -12.52 -20.24 26.81
C VAL B 46 -13.82 -19.57 27.27
N LEU B 47 -14.79 -19.46 26.36
CA LEU B 47 -16.07 -18.85 26.67
C LEU B 47 -16.88 -19.78 27.56
N ALA B 48 -16.65 -21.08 27.40
CA ALA B 48 -17.33 -22.11 28.21
C ALA B 48 -16.76 -22.19 29.62
N GLY B 49 -15.56 -21.63 29.81
CA GLY B 49 -14.96 -21.49 31.14
C GLY B 49 -13.87 -22.50 31.44
N PHE B 50 -13.64 -23.40 30.48
CA PHE B 50 -12.70 -24.50 30.68
C PHE B 50 -11.25 -24.26 30.22
N ALA B 51 -11.04 -23.30 29.33
CA ALA B 51 -9.70 -22.98 28.86
C ALA B 51 -9.23 -21.59 29.28
N SER B 52 -7.93 -21.46 29.51
CA SER B 52 -7.35 -20.18 29.85
C SER B 52 -6.14 -19.85 28.97
N LYS B 53 -5.69 -20.83 28.16
CA LYS B 53 -4.51 -20.68 27.31
C LYS B 53 -4.82 -21.03 25.86
N ILE B 54 -4.30 -20.23 24.94
CA ILE B 54 -4.27 -20.56 23.52
C ILE B 54 -2.83 -20.35 23.04
N ASN B 55 -2.17 -21.42 22.62
CA ASN B 55 -0.79 -21.32 22.16
C ASN B 55 -0.71 -21.57 20.66
N ILE B 56 -0.20 -20.58 19.92
CA ILE B 56 -0.10 -20.67 18.47
C ILE B 56 1.33 -20.77 18.01
N THR B 57 1.59 -21.68 17.08
CA THR B 57 2.93 -21.83 16.53
C THR B 57 2.94 -21.92 15.00
N LEU B 58 3.77 -21.06 14.42
CA LEU B 58 4.02 -21.02 12.98
C LEU B 58 5.39 -21.67 12.72
N TYR B 59 5.39 -22.83 12.07
CA TYR B 59 6.63 -23.59 11.81
C TYR B 59 7.28 -23.26 10.47
N GLU B 60 8.57 -23.62 10.37
CA GLU B 60 9.39 -23.30 9.19
C GLU B 60 9.08 -24.17 7.99
N ASP B 61 8.39 -25.29 8.22
CA ASP B 61 7.88 -26.12 7.13
C ASP B 61 6.51 -25.62 6.66
N ASN B 62 6.13 -24.42 7.13
CA ASN B 62 4.87 -23.71 6.79
C ASN B 62 3.58 -24.20 7.48
N SER B 63 3.68 -25.17 8.38
CA SER B 63 2.52 -25.65 9.12
C SER B 63 2.10 -24.70 10.27
N ILE B 64 0.86 -24.85 10.74
CA ILE B 64 0.34 -24.02 11.84
C ILE B 64 -0.23 -24.89 12.94
N GLU B 65 0.13 -24.58 14.18
CA GLU B 65 -0.36 -25.36 15.30
C GLU B 65 -1.03 -24.48 16.34
N VAL B 66 -2.22 -24.89 16.78
CA VAL B 66 -2.95 -24.19 17.84
C VAL B 66 -3.20 -25.17 19.00
N ALA B 67 -2.99 -24.70 20.22
CA ALA B 67 -3.27 -25.51 21.42
C ALA B 67 -4.03 -24.72 22.46
N ASP B 68 -4.96 -25.39 23.14
CA ASP B 68 -5.61 -24.85 24.32
C ASP B 68 -5.46 -25.81 25.53
N ASP B 69 -5.92 -25.37 26.70
CA ASP B 69 -5.85 -26.18 27.94
C ASP B 69 -7.24 -26.63 28.42
N GLY B 70 -8.18 -26.77 27.48
CA GLY B 70 -9.59 -27.08 27.81
C GLY B 70 -9.83 -28.55 28.05
N ARG B 71 -11.08 -29.00 27.95
CA ARG B 71 -11.46 -30.38 28.27
C ARG B 71 -10.90 -31.42 27.28
N GLY B 72 -10.56 -30.97 26.08
CA GLY B 72 -10.16 -31.87 25.02
C GLY B 72 -11.36 -32.31 24.18
N MET B 73 -11.19 -32.26 22.86
CA MET B 73 -12.19 -32.75 21.90
CA MET B 73 -12.19 -32.74 21.92
C MET B 73 -12.67 -34.15 22.30
N PRO B 74 -13.99 -34.32 22.47
CA PRO B 74 -14.51 -35.67 22.78
C PRO B 74 -14.02 -36.75 21.81
N VAL B 75 -13.79 -37.96 22.31
CA VAL B 75 -13.44 -39.09 21.45
C VAL B 75 -14.43 -40.27 21.51
N ASP B 76 -15.57 -40.06 22.17
CA ASP B 76 -16.60 -41.10 22.30
C ASP B 76 -17.06 -41.54 20.91
N ILE B 77 -17.26 -42.84 20.73
CA ILE B 77 -17.75 -43.38 19.46
C ILE B 77 -19.20 -42.98 19.33
N HIS B 78 -19.54 -42.32 18.23
CA HIS B 78 -20.92 -41.92 17.93
C HIS B 78 -21.72 -43.15 17.60
N PRO B 79 -22.90 -43.35 18.23
CA PRO B 79 -23.63 -44.59 18.00
C PRO B 79 -24.09 -44.74 16.54
N GLU B 80 -24.69 -43.66 16.02
CA GLU B 80 -25.28 -43.66 14.69
C GLU B 80 -24.24 -43.66 13.56
N HIS B 81 -23.14 -42.92 13.75
CA HIS B 81 -22.11 -42.82 12.72
C HIS B 81 -20.95 -43.76 12.95
N LYS B 82 -20.91 -44.34 14.14
CA LYS B 82 -19.93 -45.36 14.52
C LYS B 82 -18.48 -44.89 14.39
N MET B 83 -18.25 -43.65 14.79
CA MET B 83 -16.98 -42.98 14.55
C MET B 83 -16.62 -42.11 15.74
N SER B 84 -15.36 -42.14 16.17
CA SER B 84 -14.87 -41.26 17.24
C SER B 84 -15.26 -39.80 17.01
N GLY B 85 -15.64 -39.10 18.07
CA GLY B 85 -16.08 -37.70 18.01
C GLY B 85 -15.13 -36.78 17.25
N ILE B 86 -13.84 -37.12 17.28
CA ILE B 86 -12.81 -36.33 16.60
C ILE B 86 -12.78 -36.64 15.08
N GLU B 87 -12.83 -37.92 14.73
CA GLU B 87 -12.91 -38.32 13.30
C GLU B 87 -14.14 -37.69 12.65
N LEU B 88 -15.29 -37.82 13.30
CA LEU B 88 -16.55 -37.27 12.80
C LEU B 88 -16.46 -35.79 12.44
N ILE B 89 -15.93 -35.01 13.38
CA ILE B 89 -15.82 -33.56 13.27
C ILE B 89 -14.81 -33.13 12.19
N MET B 90 -13.86 -34.03 11.90
CA MET B 90 -12.76 -33.77 10.96
C MET B 90 -13.00 -34.28 9.55
N THR B 91 -13.76 -35.37 9.41
CA THR B 91 -13.94 -36.03 8.11
C THR B 91 -15.29 -35.78 7.45
N LYS B 92 -16.12 -34.94 8.07
CA LYS B 92 -17.43 -34.61 7.53
C LYS B 92 -17.69 -33.14 7.69
N LEU B 93 -18.36 -32.52 6.71
CA LEU B 93 -18.92 -31.20 6.91
C LEU B 93 -20.14 -31.32 7.80
N HIS B 94 -20.31 -30.37 8.70
CA HIS B 94 -21.51 -30.27 9.52
C HIS B 94 -22.19 -28.96 9.22
N SER B 95 -23.52 -28.97 9.20
CA SER B 95 -24.32 -27.74 9.10
C SER B 95 -25.72 -27.96 9.66
N GLY B 96 -26.37 -26.87 10.08
CA GLY B 96 -27.72 -26.95 10.62
C GLY B 96 -28.66 -25.87 10.10
N GLY B 97 -29.79 -25.69 10.78
CA GLY B 97 -30.79 -24.68 10.42
C GLY B 97 -32.09 -24.78 11.20
N LYS B 98 -33.02 -23.87 10.91
CA LYS B 98 -34.33 -23.83 11.57
C LYS B 98 -35.15 -25.06 11.23
N VAL B 113 -19.05 -22.47 8.62
CA VAL B 113 -18.10 -22.83 9.68
C VAL B 113 -17.81 -24.34 9.65
N GLY B 114 -16.65 -24.74 10.17
CA GLY B 114 -16.29 -26.14 10.22
C GLY B 114 -14.79 -26.45 10.18
N VAL B 115 -14.31 -27.03 11.27
CA VAL B 115 -12.94 -27.55 11.39
C VAL B 115 -12.61 -28.59 10.31
N SER B 116 -13.62 -29.31 9.83
CA SER B 116 -13.39 -30.25 8.74
C SER B 116 -12.94 -29.54 7.47
N VAL B 117 -13.43 -28.30 7.25
CA VAL B 117 -12.88 -27.41 6.21
C VAL B 117 -11.36 -27.37 6.27
N VAL B 118 -10.84 -26.95 7.43
CA VAL B 118 -9.40 -26.85 7.65
C VAL B 118 -8.75 -28.18 7.24
N ASN B 119 -9.28 -29.28 7.78
CA ASN B 119 -8.80 -30.63 7.48
C ASN B 119 -8.78 -30.99 5.99
N ALA B 120 -9.82 -30.55 5.28
CA ALA B 120 -9.98 -30.83 3.86
C ALA B 120 -8.98 -30.07 2.99
N LEU B 121 -8.54 -28.91 3.49
CA LEU B 121 -7.63 -28.05 2.74
C LEU B 121 -6.15 -28.25 3.11
N SER B 122 -5.83 -29.40 3.73
CA SER B 122 -4.47 -29.70 4.20
C SER B 122 -3.92 -31.03 3.69
N THR B 123 -2.66 -31.06 3.29
CA THR B 123 -2.01 -32.32 2.92
C THR B 123 -1.93 -33.23 4.13
N ARG B 124 -1.77 -32.62 5.31
CA ARG B 124 -1.59 -33.35 6.56
C ARG B 124 -2.27 -32.62 7.72
N LEU B 125 -2.88 -33.39 8.62
CA LEU B 125 -3.39 -32.85 9.89
C LEU B 125 -3.15 -33.83 11.05
N GLU B 126 -2.60 -33.30 12.14
CA GLU B 126 -2.39 -34.07 13.36
C GLU B 126 -3.21 -33.47 14.49
N ALA B 127 -3.83 -34.34 15.28
CA ALA B 127 -4.54 -33.95 16.48
C ALA B 127 -4.01 -34.74 17.67
N GLU B 128 -3.72 -34.00 18.73
CA GLU B 128 -3.32 -34.59 20.00
C GLU B 128 -4.33 -34.10 21.03
N ILE B 129 -5.02 -35.04 21.67
CA ILE B 129 -6.02 -34.71 22.68
C ILE B 129 -5.68 -35.30 24.05
N LYS B 130 -5.70 -34.45 25.07
CA LYS B 130 -5.44 -34.85 26.45
C LYS B 130 -6.73 -34.81 27.26
N ARG B 131 -7.19 -35.98 27.68
CA ARG B 131 -8.52 -36.16 28.25
C ARG B 131 -8.51 -37.46 29.05
N ASP B 132 -9.18 -37.45 30.21
CA ASP B 132 -9.34 -38.64 31.08
C ASP B 132 -8.05 -39.45 31.28
N GLY B 133 -6.94 -38.74 31.46
CA GLY B 133 -5.66 -39.38 31.73
C GLY B 133 -4.97 -39.98 30.52
N ASN B 134 -5.55 -39.76 29.35
CA ASN B 134 -5.02 -40.32 28.11
C ASN B 134 -4.52 -39.24 27.15
N VAL B 135 -3.51 -39.59 26.36
CA VAL B 135 -3.10 -38.75 25.24
C VAL B 135 -3.43 -39.45 23.91
N TYR B 136 -4.51 -38.98 23.29
CA TYR B 136 -5.05 -39.50 22.04
C TYR B 136 -4.37 -38.84 20.85
N HIS B 137 -3.91 -39.65 19.89
CA HIS B 137 -3.27 -39.12 18.69
C HIS B 137 -3.85 -39.69 17.44
N ILE B 138 -4.26 -38.80 16.52
CA ILE B 138 -4.90 -39.19 15.25
C ILE B 138 -4.35 -38.36 14.07
N VAL B 139 -4.10 -39.04 12.95
CA VAL B 139 -3.50 -38.42 11.74
C VAL B 139 -4.45 -38.43 10.54
N PHE B 140 -4.58 -37.28 9.88
CA PHE B 140 -5.33 -37.16 8.62
C PHE B 140 -4.42 -36.67 7.48
N GLU B 141 -4.66 -37.20 6.27
CA GLU B 141 -4.04 -36.69 5.04
C GLU B 141 -5.15 -36.42 4.01
N ASP B 142 -5.22 -35.17 3.56
CA ASP B 142 -6.24 -34.71 2.59
C ASP B 142 -7.68 -34.93 3.06
N GLY B 143 -7.90 -34.90 4.38
CA GLY B 143 -9.25 -35.00 4.94
C GLY B 143 -9.73 -36.41 5.21
N PHE B 144 -8.82 -37.38 5.07
CA PHE B 144 -9.11 -38.79 5.35
C PHE B 144 -8.18 -39.29 6.45
N LYS B 145 -8.73 -40.05 7.40
CA LYS B 145 -7.91 -40.68 8.43
C LYS B 145 -6.94 -41.67 7.78
N THR B 146 -5.65 -41.51 8.07
CA THR B 146 -4.62 -42.41 7.53
C THR B 146 -3.84 -43.12 8.65
N LYS B 147 -4.14 -42.74 9.89
CA LYS B 147 -3.64 -43.43 11.08
C LYS B 147 -4.78 -43.45 12.11
N ASP B 148 -5.04 -44.62 12.68
CA ASP B 148 -6.13 -44.79 13.65
C ASP B 148 -5.90 -44.01 14.94
N LEU B 149 -6.98 -43.47 15.51
CA LEU B 149 -6.95 -42.86 16.84
C LEU B 149 -6.33 -43.85 17.81
N GLU B 150 -5.25 -43.44 18.48
CA GLU B 150 -4.62 -44.29 19.48
C GLU B 150 -4.05 -43.55 20.68
N ILE B 151 -4.02 -44.24 21.82
CA ILE B 151 -3.43 -43.71 23.03
C ILE B 151 -1.92 -43.98 22.96
N ILE B 152 -1.14 -42.91 22.81
CA ILE B 152 0.31 -43.02 22.66
C ILE B 152 1.04 -42.74 23.97
N ASP B 153 0.31 -42.17 24.92
CA ASP B 153 0.87 -41.74 26.20
C ASP B 153 -0.21 -41.63 27.28
N ASN B 154 0.24 -41.52 28.53
CA ASN B 154 -0.65 -41.23 29.65
C ASN B 154 -0.22 -40.00 30.42
N VAL B 155 -1.17 -39.43 31.14
CA VAL B 155 -1.02 -38.11 31.72
C VAL B 155 -1.97 -37.99 32.93
N GLY B 156 -1.73 -37.01 33.81
CA GLY B 156 -2.63 -36.72 34.92
C GLY B 156 -4.05 -36.39 34.44
N LYS B 157 -5.04 -36.75 35.24
CA LYS B 157 -6.43 -36.50 34.86
C LYS B 157 -6.74 -35.03 34.59
N LYS B 158 -6.04 -34.13 35.27
CA LYS B 158 -6.34 -32.69 35.12
C LYS B 158 -5.46 -31.97 34.11
N ASN B 159 -4.63 -32.75 33.40
CA ASN B 159 -3.85 -32.26 32.29
C ASN B 159 -4.67 -32.48 31.02
N THR B 160 -5.43 -31.46 30.63
CA THR B 160 -6.43 -31.58 29.57
C THR B 160 -6.18 -30.57 28.43
N GLY B 161 -6.62 -30.89 27.21
CA GLY B 161 -6.52 -29.94 26.09
C GLY B 161 -6.58 -30.51 24.68
N THR B 162 -6.61 -29.62 23.69
CA THR B 162 -6.56 -30.00 22.28
C THR B 162 -5.43 -29.26 21.59
N LYS B 163 -4.61 -30.02 20.85
CA LYS B 163 -3.53 -29.48 20.03
C LYS B 163 -3.68 -29.94 18.57
N ILE B 164 -3.62 -28.98 17.65
CA ILE B 164 -3.86 -29.27 16.23
C ILE B 164 -2.78 -28.66 15.32
N ARG B 165 -2.06 -29.52 14.63
CA ARG B 165 -1.07 -29.08 13.65
C ARG B 165 -1.57 -29.41 12.25
N PHE B 166 -1.61 -28.42 11.37
CA PHE B 166 -2.05 -28.63 10.00
C PHE B 166 -1.14 -28.00 8.96
N TRP B 167 -0.94 -28.71 7.86
CA TRP B 167 -0.13 -28.28 6.72
C TRP B 167 -1.01 -27.97 5.53
N PRO B 168 -1.43 -26.71 5.37
CA PRO B 168 -2.28 -26.37 4.21
C PRO B 168 -1.68 -26.85 2.86
N ASN B 169 -2.55 -27.24 1.93
CA ASN B 169 -2.15 -27.70 0.60
C ASN B 169 -1.97 -26.52 -0.36
N LYS B 170 -0.78 -26.41 -0.97
CA LYS B 170 -0.49 -25.32 -1.92
C LYS B 170 -1.55 -25.18 -3.01
N LYS B 171 -1.95 -26.32 -3.58
CA LYS B 171 -3.04 -26.45 -4.56
C LYS B 171 -4.21 -25.47 -4.39
N TYR B 172 -4.63 -25.24 -3.15
CA TYR B 172 -5.86 -24.50 -2.92
C TYR B 172 -5.66 -23.00 -2.67
N PHE B 173 -4.39 -22.59 -2.55
CA PHE B 173 -4.05 -21.28 -2.01
C PHE B 173 -3.04 -20.50 -2.84
N ASP B 174 -3.29 -19.20 -3.00
CA ASP B 174 -2.37 -18.30 -3.73
C ASP B 174 -0.98 -18.33 -3.12
N ASP B 175 -0.93 -18.31 -1.78
CA ASP B 175 0.30 -18.13 -1.02
C ASP B 175 0.20 -19.01 0.24
N ILE B 176 1.10 -19.98 0.37
CA ILE B 176 1.15 -20.79 1.60
C ILE B 176 1.68 -20.01 2.81
N LYS B 177 2.30 -18.86 2.57
CA LYS B 177 2.83 -18.03 3.65
C LYS B 177 1.73 -17.34 4.46
N VAL B 178 1.79 -17.53 5.78
CA VAL B 178 0.89 -16.87 6.71
C VAL B 178 1.18 -15.38 6.78
N ASN B 179 0.13 -14.57 6.71
CA ASN B 179 0.25 -13.15 6.99
C ASN B 179 0.43 -12.94 8.50
N PHE B 180 1.70 -12.83 8.91
CA PHE B 180 2.07 -12.62 10.31
C PHE B 180 1.45 -11.37 10.94
N LYS B 181 1.40 -10.29 10.18
CA LYS B 181 0.92 -9.01 10.69
C LYS B 181 -0.55 -9.06 11.08
N ALA B 182 -1.39 -9.57 10.18
CA ALA B 182 -2.83 -9.70 10.47
C ALA B 182 -3.07 -10.66 11.65
N LEU B 183 -2.44 -11.84 11.62
CA LEU B 183 -2.61 -12.84 12.67
C LEU B 183 -2.32 -12.28 14.06
N LYS B 184 -1.23 -11.51 14.17
CA LYS B 184 -0.85 -10.85 15.42
C LYS B 184 -1.87 -9.82 15.87
N ASN B 185 -2.43 -9.09 14.89
CA ASN B 185 -3.50 -8.14 15.17
C ASN B 185 -4.76 -8.85 15.65
N LEU B 186 -5.06 -10.00 15.03
CA LEU B 186 -6.22 -10.79 15.38
C LEU B 186 -6.15 -11.28 16.83
N LEU B 187 -5.00 -11.82 17.20
CA LEU B 187 -4.79 -12.40 18.53
C LEU B 187 -4.90 -11.35 19.65
N GLU B 188 -4.43 -10.13 19.39
CA GLU B 188 -4.54 -9.05 20.37
C GLU B 188 -5.99 -8.65 20.55
N ALA B 189 -6.76 -8.67 19.47
CA ALA B 189 -8.18 -8.35 19.52
C ALA B 189 -8.94 -9.35 20.40
N LYS B 190 -8.46 -10.60 20.40
CA LYS B 190 -9.00 -11.64 21.27
C LYS B 190 -8.59 -11.39 22.71
N ALA B 191 -7.27 -11.33 22.94
CA ALA B 191 -6.70 -11.15 24.28
C ALA B 191 -7.25 -9.94 25.02
N ILE B 192 -7.63 -8.92 24.27
CA ILE B 192 -8.29 -7.72 24.82
C ILE B 192 -9.71 -8.06 25.26
N LEU B 193 -10.44 -8.78 24.42
CA LEU B 193 -11.84 -9.13 24.68
C LEU B 193 -12.07 -10.10 25.85
N CYS B 194 -11.03 -10.85 26.23
CA CYS B 194 -11.17 -11.85 27.29
C CYS B 194 -10.02 -11.81 28.30
N LYS B 195 -10.30 -11.28 29.48
CA LYS B 195 -9.26 -10.95 30.46
C LYS B 195 -8.58 -12.15 31.14
N ALA B 196 -9.28 -13.29 31.18
CA ALA B 196 -8.73 -14.52 31.76
C ALA B 196 -7.73 -15.18 30.81
N LEU B 197 -7.96 -15.02 29.51
CA LEU B 197 -7.16 -15.66 28.46
C LEU B 197 -5.72 -15.16 28.38
N THR B 198 -4.78 -16.10 28.24
CA THR B 198 -3.38 -15.81 27.96
C THR B 198 -2.96 -16.48 26.64
N ILE B 199 -2.72 -15.66 25.62
CA ILE B 199 -2.34 -16.15 24.30
C ILE B 199 -0.83 -16.08 24.10
N LYS B 200 -0.24 -17.21 23.72
CA LYS B 200 1.15 -17.23 23.28
C LYS B 200 1.27 -17.43 21.76
N TYR B 201 2.25 -16.73 21.18
CA TYR B 201 2.48 -16.77 19.74
C TYR B 201 3.97 -16.98 19.51
N SER B 202 4.30 -18.10 18.88
CA SER B 202 5.66 -18.37 18.45
C SER B 202 5.70 -18.38 16.93
N ASN B 203 6.45 -17.45 16.36
CA ASN B 203 6.70 -17.44 14.92
C ASN B 203 8.13 -17.91 14.64
N GLU B 204 8.26 -19.20 14.38
CA GLU B 204 9.54 -19.90 14.28
C GLU B 204 10.30 -19.57 12.99
N ILE B 205 9.63 -18.89 12.05
CA ILE B 205 10.26 -18.43 10.82
C ILE B 205 11.05 -17.13 11.09
N LYS B 206 10.34 -16.11 11.62
CA LYS B 206 10.94 -14.83 11.98
C LYS B 206 11.79 -14.93 13.27
N LYS B 207 11.85 -16.13 13.85
CA LYS B 207 12.45 -16.37 15.18
C LYS B 207 11.91 -15.38 16.22
N GLU B 208 10.60 -15.46 16.46
CA GLU B 208 9.89 -14.46 17.25
C GLU B 208 8.82 -15.12 18.17
N LYS B 209 8.72 -14.64 19.40
CA LYS B 209 7.70 -15.08 20.35
C LYS B 209 7.00 -13.88 20.95
N LEU B 210 5.69 -14.01 21.19
CA LEU B 210 4.93 -12.99 21.88
C LEU B 210 4.04 -13.61 22.97
N THR B 211 3.53 -12.76 23.86
CA THR B 211 2.58 -13.18 24.89
C THR B 211 1.58 -12.05 25.11
N TRP B 212 0.31 -12.35 24.90
CA TRP B 212 -0.74 -11.42 25.28
C TRP B 212 -1.43 -11.89 26.52
N HIS B 213 -1.67 -10.94 27.42
CA HIS B 213 -2.47 -11.15 28.62
C HIS B 213 -2.79 -9.80 29.20
N PHE B 214 -4.07 -9.46 29.22
CA PHE B 214 -4.50 -8.17 29.74
C PHE B 214 -5.22 -8.28 31.08
N GLU B 215 -4.40 -8.42 32.12
CA GLU B 215 -4.86 -8.51 33.51
C GLU B 215 -5.82 -7.37 33.82
N THR B 216 -5.34 -6.15 33.60
CA THR B 216 -6.16 -4.95 33.78
C THR B 216 -7.12 -4.76 32.61
N GLY B 217 -7.88 -5.82 32.30
CA GLY B 217 -8.82 -5.80 31.19
C GLY B 217 -10.09 -5.05 31.53
#